data_6GIB
#
_entry.id   6GIB
#
_cell.length_a   58.959
_cell.length_b   93.023
_cell.length_c   96.024
_cell.angle_alpha   90.00
_cell.angle_beta   90.00
_cell.angle_gamma   90.00
#
_symmetry.space_group_name_H-M   'P 21 21 21'
#
loop_
_entity.id
_entity.type
_entity.pdbx_description
1 polymer 'Glutathione S-transferase omega-2'
2 non-polymer 'MAGNESIUM ION'
3 water water
#
_entity_poly.entity_id   1
_entity_poly.type   'polypeptide(L)'
_entity_poly.pdbx_seq_one_letter_code
;MPCTEQITLYTTTFSPYGHRAHIALEEAGAEYTLCQINVHRDKPEWYKRVNPLGKVPAITFGGPQVPPDEPSPESEKLVE
SLALLEFVADVFPEAKLLPASPVQRARARAFIAIYQNYLHDQFRDAFFRGEPVGPFLQALETLQSALPPAGFAVGEWSLA
EAAVAPFLARMMLYLDAGLGKYSEADGETMRAALASERFARISQYVRDIRARASFVKSWGGDDVQLEAAKAIPMLRRPAH
HHHHH
;
_entity_poly.pdbx_strand_id   A,B
#
loop_
_chem_comp.id
_chem_comp.type
_chem_comp.name
_chem_comp.formula
MG non-polymer 'MAGNESIUM ION' 'Mg 2'
#
# COMPACT_ATOMS: atom_id res chain seq x y z
N CYS A 3 4.64 16.07 -21.03
CA CYS A 3 3.93 16.85 -20.02
C CYS A 3 4.56 18.23 -19.77
N THR A 4 3.72 19.29 -19.80
CA THR A 4 4.20 20.66 -19.61
C THR A 4 3.68 21.33 -18.36
N GLU A 5 2.76 20.73 -17.62
CA GLU A 5 2.38 21.27 -16.32
C GLU A 5 3.61 21.40 -15.44
N GLN A 6 3.64 22.39 -14.54
CA GLN A 6 4.78 22.51 -13.64
C GLN A 6 4.69 21.47 -12.54
N ILE A 7 5.85 21.07 -12.05
CA ILE A 7 5.99 19.98 -11.08
C ILE A 7 6.98 20.45 -10.03
N THR A 8 6.56 20.50 -8.78
CA THR A 8 7.44 20.83 -7.67
C THR A 8 7.37 19.72 -6.64
N LEU A 9 8.51 19.13 -6.33
CA LEU A 9 8.59 18.11 -5.29
C LEU A 9 9.09 18.75 -4.00
N TYR A 10 8.30 18.65 -2.95
CA TYR A 10 8.66 19.10 -1.62
C TYR A 10 9.06 17.90 -0.77
N THR A 11 10.22 18.02 -0.15
CA THR A 11 10.71 16.99 0.73
C THR A 11 11.56 17.65 1.79
N THR A 12 11.61 17.02 2.96
CA THR A 12 12.64 17.32 3.92
C THR A 12 13.96 16.70 3.48
N THR A 13 15.04 17.32 3.92
CA THR A 13 16.32 17.24 3.22
C THR A 13 16.79 15.79 3.02
N PHE A 14 16.53 14.91 3.97
CA PHE A 14 17.09 13.56 3.93
C PHE A 14 16.00 12.50 4.10
N SER A 15 14.81 12.81 3.63
CA SER A 15 13.67 11.92 3.82
C SER A 15 13.69 10.78 2.80
N PRO A 16 13.58 9.53 3.25
CA PRO A 16 13.50 8.43 2.27
C PRO A 16 12.21 8.44 1.47
N TYR A 17 11.13 9.00 2.05
CA TYR A 17 9.87 9.11 1.34
C TYR A 17 9.99 10.10 0.19
N GLY A 18 10.62 11.25 0.43
CA GLY A 18 10.86 12.18 -0.66
C GLY A 18 11.82 11.60 -1.67
N HIS A 19 12.80 10.84 -1.18
CA HIS A 19 13.78 10.23 -2.06
C HIS A 19 13.08 9.33 -3.06
N ARG A 20 12.04 8.62 -2.64
CA ARG A 20 11.23 7.84 -3.57
C ARG A 20 10.82 8.67 -4.77
N ALA A 21 10.20 9.81 -4.51
CA ALA A 21 9.65 10.64 -5.58
C ALA A 21 10.73 11.27 -6.39
N HIS A 22 11.85 11.55 -5.77
CA HIS A 22 12.97 12.14 -6.43
C HIS A 22 13.49 11.16 -7.47
N ILE A 23 13.64 9.89 -7.10
CA ILE A 23 14.07 8.87 -8.06
C ILE A 23 13.12 8.83 -9.23
N ALA A 24 11.81 8.82 -8.94
CA ALA A 24 10.84 8.65 -10.00
C ALA A 24 10.86 9.81 -10.97
N LEU A 25 11.04 11.02 -10.45
CA LEU A 25 11.07 12.18 -11.33
C LEU A 25 12.33 12.16 -12.17
N GLU A 26 13.42 11.64 -11.61
CA GLU A 26 14.65 11.54 -12.40
C GLU A 26 14.51 10.49 -13.48
N GLU A 27 14.01 9.29 -13.12
CA GLU A 27 13.79 8.24 -14.12
C GLU A 27 12.91 8.74 -15.24
N ALA A 28 11.94 9.60 -14.92
CA ALA A 28 10.97 10.07 -15.89
C ALA A 28 11.54 11.10 -16.84
N GLY A 29 12.75 11.58 -16.57
CA GLY A 29 13.25 12.72 -17.32
C GLY A 29 12.43 13.98 -17.09
N ALA A 30 11.74 14.09 -15.96
CA ALA A 30 10.83 15.19 -15.74
C ALA A 30 11.59 16.49 -15.56
N GLU A 31 10.96 17.59 -16.00
CA GLU A 31 11.35 18.95 -15.64
C GLU A 31 10.60 19.34 -14.37
N TYR A 32 11.33 19.52 -13.28
CA TYR A 32 10.67 19.71 -12.01
C TYR A 32 11.53 20.61 -11.11
N THR A 33 10.87 21.25 -10.15
CA THR A 33 11.53 21.99 -9.10
C THR A 33 11.58 21.12 -7.86
N LEU A 34 12.76 21.05 -7.27
CA LEU A 34 12.97 20.36 -6.01
C LEU A 34 13.12 21.41 -4.91
N CYS A 35 12.33 21.27 -3.86
CA CYS A 35 12.40 22.17 -2.72
C CYS A 35 12.64 21.31 -1.50
N GLN A 36 13.78 21.52 -0.87
CA GLN A 36 14.17 20.80 0.33
C GLN A 36 13.97 21.71 1.52
N ILE A 37 13.16 21.29 2.47
CA ILE A 37 13.03 22.03 3.72
C ILE A 37 13.83 21.33 4.80
N ASN A 38 14.40 22.14 5.69
CA ASN A 38 15.29 21.62 6.71
C ASN A 38 14.53 20.82 7.77
N VAL A 39 14.91 19.56 7.92
CA VAL A 39 14.55 18.75 9.09
C VAL A 39 15.01 19.40 10.39
N LYS A 43 9.81 24.13 10.64
CA LYS A 43 9.10 24.02 9.37
C LYS A 43 8.34 25.31 8.97
N PRO A 44 8.58 25.83 7.76
CA PRO A 44 8.18 27.21 7.46
C PRO A 44 6.67 27.41 7.38
N GLU A 45 6.26 28.62 7.76
CA GLU A 45 4.86 28.98 7.80
C GLU A 45 4.19 28.81 6.45
N TRP A 46 4.90 29.11 5.36
CA TRP A 46 4.30 28.98 4.03
C TRP A 46 3.95 27.54 3.66
N TYR A 47 4.58 26.54 4.28
CA TYR A 47 4.34 25.18 3.82
C TYR A 47 2.89 24.76 4.02
N LYS A 48 2.16 25.48 4.86
CA LYS A 48 0.75 25.19 5.03
C LYS A 48 -0.01 25.36 3.73
N ARG A 49 0.54 26.13 2.78
CA ARG A 49 -0.09 26.28 1.47
C ARG A 49 0.16 25.07 0.56
N VAL A 50 1.12 24.20 0.89
CA VAL A 50 1.30 22.95 0.15
C VAL A 50 0.32 21.91 0.68
N ASN A 51 0.38 21.70 1.99
CA ASN A 51 -0.45 20.79 2.73
C ASN A 51 -0.76 21.36 4.12
N PRO A 52 -2.02 21.61 4.43
CA PRO A 52 -2.33 22.19 5.75
C PRO A 52 -1.87 21.33 6.92
N LEU A 53 -1.77 20.01 6.79
CA LEU A 53 -1.30 19.19 7.89
C LEU A 53 0.21 19.02 7.91
N GLY A 54 0.95 19.79 7.11
CA GLY A 54 2.41 19.67 7.12
C GLY A 54 2.95 18.39 6.56
N LYS A 55 2.14 17.63 5.80
CA LYS A 55 2.55 16.32 5.31
C LYS A 55 3.61 16.46 4.22
N VAL A 56 4.66 15.64 4.33
CA VAL A 56 5.79 15.65 3.41
C VAL A 56 6.17 14.20 3.12
N PRO A 57 6.56 13.88 1.88
CA PRO A 57 6.71 14.76 0.71
C PRO A 57 5.38 15.16 0.14
N ALA A 58 5.45 16.11 -0.79
CA ALA A 58 4.32 16.56 -1.55
C ALA A 58 4.80 17.01 -2.92
N ILE A 59 3.88 16.94 -3.86
CA ILE A 59 4.06 17.41 -5.22
C ILE A 59 2.97 18.43 -5.50
N THR A 60 3.35 19.59 -6.01
CA THR A 60 2.37 20.44 -6.65
C THR A 60 2.48 20.24 -8.14
N PHE A 61 1.35 20.32 -8.82
CA PHE A 61 1.27 20.01 -10.24
C PHE A 61 0.40 21.07 -10.91
N GLY A 62 0.91 21.61 -12.01
CA GLY A 62 0.19 22.63 -12.75
C GLY A 62 0.13 23.96 -12.00
N GLY A 63 -0.75 24.81 -12.53
CA GLY A 63 -0.81 26.19 -12.14
C GLY A 63 0.39 26.96 -12.69
N PRO A 64 0.48 28.23 -12.35
CA PRO A 64 1.58 29.05 -12.86
C PRO A 64 2.92 28.60 -12.29
N GLN A 65 3.98 28.90 -13.06
CA GLN A 65 5.34 28.72 -12.54
C GLN A 65 5.54 29.65 -11.37
N VAL A 66 5.94 29.08 -10.24
CA VAL A 66 6.12 29.86 -9.03
C VAL A 66 7.33 29.35 -8.29
N PRO A 67 7.98 30.21 -7.52
CA PRO A 67 8.96 29.68 -6.60
C PRO A 67 8.28 28.76 -5.62
N PRO A 68 8.93 27.66 -5.22
CA PRO A 68 8.27 26.66 -4.36
C PRO A 68 7.80 27.20 -3.03
N ASP A 69 8.47 28.21 -2.48
CA ASP A 69 7.97 28.82 -1.26
C ASP A 69 6.76 29.73 -1.53
N GLU A 70 6.29 29.84 -2.78
CA GLU A 70 5.08 30.61 -3.08
C GLU A 70 4.12 29.77 -3.92
N PRO A 71 3.63 28.67 -3.36
CA PRO A 71 2.80 27.75 -4.16
C PRO A 71 1.52 28.47 -4.56
N SER A 72 1.12 28.23 -5.79
CA SER A 72 -0.06 28.88 -6.33
C SER A 72 -1.32 28.30 -5.71
N PRO A 73 -2.41 29.06 -5.69
CA PRO A 73 -3.70 28.43 -5.41
C PRO A 73 -4.16 27.53 -6.55
N GLU A 74 -3.70 27.75 -7.78
CA GLU A 74 -4.21 26.90 -8.86
C GLU A 74 -3.67 25.47 -8.78
N SER A 75 -2.44 25.27 -8.33
CA SER A 75 -1.81 23.96 -8.49
C SER A 75 -2.55 22.89 -7.70
N GLU A 76 -2.54 21.65 -8.25
CA GLU A 76 -3.02 20.48 -7.53
C GLU A 76 -1.94 20.01 -6.57
N LYS A 77 -2.34 19.69 -5.34
CA LYS A 77 -1.42 19.33 -4.28
C LYS A 77 -1.64 17.87 -3.93
N LEU A 78 -0.57 17.07 -3.97
CA LEU A 78 -0.66 15.62 -3.80
C LEU A 78 0.36 15.13 -2.78
N VAL A 79 -0.05 14.13 -2.00
CA VAL A 79 0.75 13.56 -0.92
C VAL A 79 0.64 12.03 -0.99
N GLU A 80 1.40 11.38 -0.09
CA GLU A 80 1.46 9.93 0.06
C GLU A 80 2.42 9.33 -0.96
N SER A 81 3.61 8.92 -0.49
CA SER A 81 4.73 8.74 -1.40
C SER A 81 4.44 7.70 -2.48
N LEU A 82 3.81 6.60 -2.13
CA LEU A 82 3.55 5.60 -3.18
C LEU A 82 2.55 6.10 -4.22
N ALA A 83 1.51 6.83 -3.81
CA ALA A 83 0.68 7.53 -4.80
C ALA A 83 1.49 8.50 -5.65
N LEU A 84 2.49 9.14 -5.08
CA LEU A 84 3.29 10.06 -5.90
C LEU A 84 4.06 9.29 -6.96
N LEU A 85 4.61 8.13 -6.58
CA LEU A 85 5.27 7.26 -7.55
C LEU A 85 4.35 6.92 -8.70
N GLU A 86 3.16 6.39 -8.40
CA GLU A 86 2.22 6.04 -9.46
C GLU A 86 1.82 7.27 -10.26
N PHE A 87 1.75 8.42 -9.61
CA PHE A 87 1.39 9.65 -10.31
C PHE A 87 2.46 10.04 -11.33
N VAL A 88 3.74 10.01 -10.95
CA VAL A 88 4.80 10.34 -11.93
C VAL A 88 4.71 9.41 -13.11
N ALA A 89 4.46 8.14 -12.86
CA ALA A 89 4.37 7.17 -13.94
C ALA A 89 3.20 7.47 -14.86
N ASP A 90 2.05 7.83 -14.28
CA ASP A 90 0.88 8.21 -15.08
C ASP A 90 1.10 9.48 -15.89
N VAL A 91 1.88 10.43 -15.38
CA VAL A 91 2.11 11.68 -16.11
C VAL A 91 3.12 11.47 -17.23
N PHE A 92 4.02 10.50 -17.06
CA PHE A 92 5.09 10.23 -18.02
C PHE A 92 5.03 8.77 -18.47
N PRO A 93 3.90 8.35 -19.04
CA PRO A 93 3.83 6.96 -19.49
C PRO A 93 4.96 6.61 -20.42
N GLU A 94 5.49 7.59 -21.17
CA GLU A 94 6.55 7.31 -22.13
C GLU A 94 7.79 6.79 -21.43
N ALA A 95 8.01 7.17 -20.19
CA ALA A 95 9.19 6.75 -19.45
C ALA A 95 9.13 5.32 -18.95
N LYS A 96 7.98 4.67 -19.04
CA LYS A 96 7.83 3.29 -18.62
C LYS A 96 8.40 3.08 -17.23
N LEU A 97 7.89 3.88 -16.28
CA LEU A 97 8.36 3.72 -14.91
C LEU A 97 7.82 2.44 -14.31
N LEU A 98 6.81 1.90 -14.93
CA LEU A 98 6.35 0.54 -14.69
C LEU A 98 6.47 -0.23 -16.00
N PRO A 99 6.53 -1.55 -15.94
CA PRO A 99 6.52 -2.31 -17.18
C PRO A 99 5.19 -2.19 -17.92
N ALA A 100 5.19 -2.73 -19.15
CA ALA A 100 4.04 -2.54 -20.02
C ALA A 100 2.92 -3.51 -19.69
N SER A 101 3.26 -4.74 -19.41
CA SER A 101 2.26 -5.76 -19.27
C SER A 101 1.55 -5.65 -17.92
N PRO A 102 0.25 -5.85 -17.89
CA PRO A 102 -0.44 -5.85 -16.60
C PRO A 102 0.15 -6.84 -15.62
N VAL A 103 0.58 -8.00 -16.09
CA VAL A 103 1.12 -8.96 -15.15
C VAL A 103 2.38 -8.40 -14.52
N GLN A 104 3.22 -7.77 -15.31
CA GLN A 104 4.48 -7.31 -14.75
C GLN A 104 4.26 -6.10 -13.86
N ARG A 105 3.32 -5.22 -14.22
CA ARG A 105 3.03 -4.11 -13.32
C ARG A 105 2.50 -4.63 -11.99
N ALA A 106 1.78 -5.75 -12.02
CA ALA A 106 1.23 -6.32 -10.79
C ALA A 106 2.34 -6.92 -9.94
N ARG A 107 3.30 -7.59 -10.58
CA ARG A 107 4.45 -8.10 -9.82
C ARG A 107 5.24 -6.96 -9.18
N ALA A 108 5.45 -5.89 -9.93
CA ALA A 108 6.16 -4.73 -9.37
C ALA A 108 5.43 -4.21 -8.16
N ARG A 109 4.11 -4.04 -8.27
CA ARG A 109 3.35 -3.52 -7.16
C ARG A 109 3.40 -4.49 -5.99
N ALA A 110 3.36 -5.78 -6.27
CA ALA A 110 3.42 -6.76 -5.18
C ALA A 110 4.77 -6.68 -4.48
N PHE A 111 5.82 -6.38 -5.23
CA PHE A 111 7.13 -6.28 -4.59
C PHE A 111 7.11 -5.16 -3.56
N ILE A 112 6.58 -4.01 -3.94
CA ILE A 112 6.44 -2.90 -3.01
C ILE A 112 5.58 -3.33 -1.82
N ALA A 113 4.52 -4.09 -2.06
CA ALA A 113 3.72 -4.55 -0.92
C ALA A 113 4.56 -5.37 0.03
N ILE A 114 5.43 -6.24 -0.50
CA ILE A 114 6.26 -7.04 0.39
C ILE A 114 7.09 -6.12 1.27
N TYR A 115 7.69 -5.09 0.69
CA TYR A 115 8.48 -4.16 1.48
C TYR A 115 7.62 -3.51 2.55
N GLN A 116 6.50 -2.91 2.16
CA GLN A 116 5.64 -2.18 3.10
C GLN A 116 5.10 -3.10 4.17
N ASN A 117 4.62 -4.27 3.78
CA ASN A 117 3.89 -5.11 4.71
C ASN A 117 4.79 -6.00 5.55
N TYR A 118 5.98 -6.34 5.10
CA TYR A 118 6.80 -7.25 5.88
C TYR A 118 8.14 -6.65 6.32
N LEU A 119 8.72 -5.72 5.58
CA LEU A 119 10.05 -5.27 5.98
C LEU A 119 10.06 -3.90 6.64
N HIS A 120 9.40 -2.92 6.03
CA HIS A 120 9.44 -1.55 6.53
C HIS A 120 9.35 -1.48 8.06
N ASP A 121 8.34 -2.11 8.65
CA ASP A 121 8.14 -1.94 10.08
C ASP A 121 9.25 -2.62 10.89
N GLN A 122 9.82 -3.71 10.37
CA GLN A 122 10.92 -4.38 11.04
C GLN A 122 12.17 -3.53 11.01
N PHE A 123 12.51 -3.04 9.83
CA PHE A 123 13.62 -2.12 9.71
C PHE A 123 13.52 -1.03 10.78
N ARG A 124 12.32 -0.45 10.94
CA ARG A 124 12.13 0.59 11.94
C ARG A 124 12.26 0.03 13.35
N ASP A 125 11.63 -1.11 13.63
CA ASP A 125 11.81 -1.72 14.96
C ASP A 125 13.28 -2.01 15.27
N ALA A 126 14.04 -2.54 14.30
CA ALA A 126 15.42 -2.95 14.58
C ALA A 126 16.38 -1.77 14.66
N PHE A 127 16.29 -0.85 13.71
CA PHE A 127 17.22 0.26 13.64
C PHE A 127 16.83 1.49 14.45
N PHE A 128 15.52 1.71 14.70
CA PHE A 128 15.07 2.91 15.39
C PHE A 128 14.53 2.66 16.78
N ARG A 129 14.14 1.43 17.09
CA ARG A 129 13.58 1.10 18.39
C ARG A 129 14.41 0.07 19.13
N GLY A 130 15.46 -0.47 18.51
CA GLY A 130 16.28 -1.46 19.19
C GLY A 130 15.52 -2.71 19.56
N GLU A 131 14.60 -3.13 18.73
CA GLU A 131 13.91 -4.36 19.01
C GLU A 131 14.71 -5.54 18.50
N PRO A 132 14.39 -6.73 18.97
CA PRO A 132 15.05 -7.92 18.45
C PRO A 132 15.18 -7.87 16.94
N VAL A 133 16.39 -8.21 16.50
CA VAL A 133 16.72 -8.12 15.08
C VAL A 133 16.22 -9.29 14.26
N GLY A 134 15.76 -10.36 14.89
CA GLY A 134 15.42 -11.57 14.17
C GLY A 134 14.39 -11.38 13.08
N PRO A 135 13.23 -10.81 13.44
CA PRO A 135 12.20 -10.56 12.42
C PRO A 135 12.69 -9.69 11.25
N PHE A 136 13.57 -8.75 11.50
CA PHE A 136 14.08 -7.92 10.40
C PHE A 136 14.77 -8.79 9.34
N LEU A 137 15.72 -9.61 9.76
CA LEU A 137 16.44 -10.46 8.82
C LEU A 137 15.50 -11.37 8.03
N GLN A 138 14.48 -11.93 8.69
CA GLN A 138 13.56 -12.79 7.96
C GLN A 138 12.80 -12.00 6.91
N ALA A 139 12.37 -10.78 7.27
CA ALA A 139 11.63 -9.97 6.31
C ALA A 139 12.54 -9.52 5.18
N LEU A 140 13.79 -9.24 5.50
CA LEU A 140 14.74 -8.90 4.45
C LEU A 140 14.91 -10.07 3.48
N GLU A 141 14.95 -11.28 4.02
CA GLU A 141 15.03 -12.46 3.18
C GLU A 141 13.77 -12.66 2.36
N THR A 142 12.61 -12.40 2.96
CA THR A 142 11.38 -12.49 2.18
C THR A 142 11.44 -11.55 1.00
N LEU A 143 11.81 -10.29 1.23
CA LEU A 143 11.92 -9.38 0.09
C LEU A 143 12.93 -9.93 -0.91
N GLN A 144 14.10 -10.37 -0.43
CA GLN A 144 15.14 -10.87 -1.31
C GLN A 144 14.62 -12.03 -2.15
N SER A 145 13.82 -12.92 -1.55
CA SER A 145 13.30 -14.07 -2.27
C SER A 145 12.36 -13.69 -3.40
N ALA A 146 11.82 -12.47 -3.40
CA ALA A 146 10.98 -12.05 -4.50
C ALA A 146 11.79 -11.45 -5.64
N LEU A 147 13.10 -11.36 -5.48
CA LEU A 147 13.89 -10.85 -6.59
C LEU A 147 14.18 -11.96 -7.59
N PRO A 148 14.17 -11.65 -8.89
CA PRO A 148 14.74 -12.57 -9.86
C PRO A 148 16.25 -12.64 -9.68
N PRO A 149 16.89 -13.69 -10.18
CA PRO A 149 18.33 -13.86 -9.91
C PRO A 149 19.22 -12.72 -10.40
N ALA A 150 18.81 -11.99 -11.43
CA ALA A 150 19.51 -10.79 -11.86
C ALA A 150 18.51 -9.64 -12.03
N GLY A 151 19.06 -8.49 -12.40
CA GLY A 151 18.37 -7.24 -12.61
C GLY A 151 17.63 -6.75 -11.36
N PHE A 152 16.54 -6.04 -11.61
CA PHE A 152 15.77 -5.42 -10.56
C PHE A 152 14.50 -6.21 -10.34
N ALA A 153 13.56 -5.64 -9.55
CA ALA A 153 12.48 -6.48 -9.02
C ALA A 153 11.72 -7.18 -10.14
N VAL A 154 11.46 -6.50 -11.25
CA VAL A 154 10.76 -7.15 -12.36
C VAL A 154 11.66 -7.10 -13.59
N GLY A 155 12.97 -7.32 -13.40
CA GLY A 155 13.90 -7.22 -14.51
C GLY A 155 14.38 -5.79 -14.65
N GLU A 156 13.75 -5.05 -15.55
CA GLU A 156 14.10 -3.64 -15.68
C GLU A 156 13.74 -2.85 -14.41
N TRP A 157 14.44 -1.72 -14.25
CA TRP A 157 14.16 -0.80 -13.16
C TRP A 157 12.70 -0.33 -13.23
N SER A 158 12.04 -0.23 -12.08
CA SER A 158 10.65 0.19 -12.03
C SER A 158 10.40 1.01 -10.78
N LEU A 159 9.13 1.39 -10.58
CA LEU A 159 8.72 2.05 -9.35
C LEU A 159 9.06 1.21 -8.15
N ALA A 160 9.17 -0.10 -8.31
CA ALA A 160 9.54 -0.90 -7.17
C ALA A 160 10.85 -0.41 -6.58
N GLU A 161 11.84 -0.12 -7.45
CA GLU A 161 13.13 0.37 -6.97
C GLU A 161 13.00 1.75 -6.36
N ALA A 162 12.23 2.64 -7.03
CA ALA A 162 11.98 3.95 -6.46
C ALA A 162 11.43 3.84 -5.04
N ALA A 163 10.60 2.82 -4.81
CA ALA A 163 9.97 2.64 -3.51
C ALA A 163 10.94 2.11 -2.47
N VAL A 164 11.73 1.10 -2.79
CA VAL A 164 12.51 0.44 -1.77
C VAL A 164 13.95 0.93 -1.71
N ALA A 165 14.47 1.48 -2.80
CA ALA A 165 15.88 1.90 -2.80
C ALA A 165 16.20 2.83 -1.65
N PRO A 166 15.41 3.87 -1.38
CA PRO A 166 15.78 4.79 -0.31
C PRO A 166 15.93 4.13 1.02
N PHE A 167 15.21 3.05 1.27
CA PHE A 167 15.27 2.44 2.59
C PHE A 167 16.38 1.41 2.70
N LEU A 168 16.53 0.56 1.68
CA LEU A 168 17.59 -0.42 1.69
C LEU A 168 18.95 0.28 1.70
N ALA A 169 19.09 1.34 0.92
CA ALA A 169 20.34 2.09 0.88
C ALA A 169 20.69 2.66 2.25
N ARG A 170 19.69 3.17 2.96
CA ARG A 170 19.95 3.70 4.30
C ARG A 170 20.22 2.58 5.29
N MET A 171 19.50 1.46 5.19
CA MET A 171 19.74 0.33 6.09
C MET A 171 21.20 -0.08 6.05
N MET A 172 21.74 -0.22 4.83
CA MET A 172 23.14 -0.63 4.67
C MET A 172 24.07 0.43 5.21
N LEU A 173 23.83 1.69 4.84
CA LEU A 173 24.67 2.78 5.30
C LEU A 173 24.69 2.83 6.81
N TYR A 174 23.52 2.80 7.43
CA TYR A 174 23.45 2.78 8.89
C TYR A 174 24.21 1.59 9.46
N LEU A 175 24.11 0.44 8.79
CA LEU A 175 24.68 -0.78 9.31
C LEU A 175 26.19 -0.74 9.22
N ASP A 176 26.71 -0.30 8.06
CA ASP A 176 28.13 -0.07 7.87
C ASP A 176 28.66 0.96 8.84
N ALA A 177 27.87 1.98 9.16
CA ALA A 177 28.34 3.02 10.06
C ALA A 177 28.12 2.67 11.53
N GLY A 178 27.47 1.55 11.84
CA GLY A 178 27.16 1.23 13.23
C GLY A 178 26.05 2.07 13.84
N LEU A 179 25.21 2.69 13.03
CA LEU A 179 24.13 3.54 13.53
C LEU A 179 22.84 2.75 13.73
N GLY A 180 22.16 3.04 14.83
CA GLY A 180 20.90 2.41 15.15
C GLY A 180 20.82 2.08 16.63
N LYS A 181 19.59 1.93 17.12
CA LYS A 181 19.39 1.73 18.53
C LYS A 181 19.54 0.29 18.94
N TYR A 182 19.98 -0.57 18.04
CA TYR A 182 20.11 -1.98 18.35
C TYR A 182 21.30 -2.23 19.26
N SER A 183 21.26 -3.34 19.98
CA SER A 183 22.35 -3.71 20.85
C SER A 183 23.63 -4.00 20.06
N GLU A 184 24.76 -3.88 20.75
CA GLU A 184 26.04 -4.20 20.11
C GLU A 184 26.01 -5.61 19.54
N ALA A 185 25.41 -6.55 20.27
CA ALA A 185 25.29 -7.92 19.79
C ALA A 185 24.40 -8.00 18.55
N ASP A 186 23.21 -7.42 18.62
CA ASP A 186 22.33 -7.40 17.45
C ASP A 186 23.01 -6.69 16.28
N GLY A 187 23.75 -5.62 16.57
CA GLY A 187 24.52 -4.97 15.52
C GLY A 187 25.47 -5.92 14.82
N GLU A 188 26.16 -6.77 15.59
CA GLU A 188 27.07 -7.75 15.00
C GLU A 188 26.28 -8.82 14.24
N THR A 189 25.22 -9.35 14.84
CA THR A 189 24.40 -10.32 14.12
C THR A 189 23.97 -9.80 12.76
N MET A 190 23.55 -8.54 12.69
CA MET A 190 23.09 -8.02 11.40
C MET A 190 24.25 -7.83 10.44
N ARG A 191 25.34 -7.24 10.91
CA ARG A 191 26.49 -7.00 10.04
C ARG A 191 26.98 -8.31 9.41
N ALA A 192 27.10 -9.37 10.22
CA ALA A 192 27.50 -10.66 9.66
C ALA A 192 26.37 -11.26 8.83
N ALA A 193 25.11 -11.01 9.19
CA ALA A 193 24.01 -11.45 8.34
C ALA A 193 24.18 -10.93 6.92
N LEU A 194 24.43 -9.64 6.76
CA LEU A 194 24.43 -9.04 5.43
C LEU A 194 25.72 -9.30 4.67
N ALA A 195 26.80 -9.63 5.35
CA ALA A 195 28.02 -10.02 4.67
C ALA A 195 28.05 -11.53 4.38
N SER A 196 27.11 -12.29 4.92
CA SER A 196 27.06 -13.72 4.67
C SER A 196 26.35 -14.02 3.35
N GLU A 197 26.52 -15.26 2.86
CA GLU A 197 25.95 -15.63 1.58
C GLU A 197 24.44 -15.61 1.61
N ARG A 198 23.85 -15.73 2.80
CA ARG A 198 22.40 -15.70 2.92
C ARG A 198 21.83 -14.49 2.21
N PHE A 199 22.55 -13.36 2.26
CA PHE A 199 22.06 -12.10 1.74
C PHE A 199 22.91 -11.55 0.61
N ALA A 200 23.59 -12.45 -0.11
CA ALA A 200 24.35 -12.03 -1.28
C ALA A 200 23.46 -11.33 -2.30
N ARG A 201 22.26 -11.87 -2.53
CA ARG A 201 21.40 -11.30 -3.57
C ARG A 201 20.96 -9.89 -3.20
N ILE A 202 20.45 -9.70 -1.98
CA ILE A 202 19.92 -8.39 -1.62
C ILE A 202 21.05 -7.38 -1.60
N SER A 203 22.28 -7.81 -1.26
CA SER A 203 23.40 -6.88 -1.23
C SER A 203 23.82 -6.47 -2.65
N GLN A 204 23.81 -7.41 -3.60
CA GLN A 204 24.06 -7.04 -4.98
C GLN A 204 22.96 -6.12 -5.51
N TYR A 205 21.72 -6.39 -5.15
CA TYR A 205 20.62 -5.49 -5.50
C TYR A 205 20.87 -4.05 -5.05
N VAL A 206 21.26 -3.87 -3.80
CA VAL A 206 21.63 -2.53 -3.33
C VAL A 206 22.77 -1.96 -4.17
N ARG A 207 23.77 -2.78 -4.48
CA ARG A 207 24.87 -2.30 -5.31
C ARG A 207 24.35 -1.78 -6.63
N ASP A 208 23.53 -2.57 -7.30
CA ASP A 208 23.00 -2.21 -8.60
C ASP A 208 22.12 -0.97 -8.49
N ILE A 209 21.38 -0.86 -7.39
CA ILE A 209 20.61 0.35 -7.10
C ILE A 209 21.55 1.54 -7.00
N ARG A 210 22.58 1.43 -6.16
CA ARG A 210 23.43 2.58 -5.89
C ARG A 210 24.18 3.05 -7.12
N ALA A 211 24.26 2.20 -8.15
CA ALA A 211 24.88 2.54 -9.41
C ALA A 211 23.95 3.28 -10.34
N ARG A 212 22.65 3.29 -10.04
CA ARG A 212 21.68 3.87 -10.93
C ARG A 212 21.79 5.38 -10.89
N ALA A 213 21.78 6.01 -12.07
CA ALA A 213 21.99 7.45 -12.10
C ALA A 213 20.98 8.17 -11.23
N SER A 214 19.68 7.87 -11.42
CA SER A 214 18.60 8.51 -10.66
C SER A 214 18.83 8.39 -9.17
N PHE A 215 19.32 7.23 -8.73
CA PHE A 215 19.66 7.10 -7.32
C PHE A 215 20.83 7.99 -6.98
N VAL A 216 21.88 7.97 -7.81
CA VAL A 216 23.06 8.75 -7.49
C VAL A 216 22.67 10.21 -7.28
N LYS A 217 21.86 10.75 -8.20
CA LYS A 217 21.52 12.17 -8.13
C LYS A 217 20.70 12.50 -6.89
N SER A 218 19.84 11.59 -6.44
CA SER A 218 18.95 11.91 -5.33
C SER A 218 19.51 11.50 -3.99
N TRP A 219 20.59 10.71 -4.00
CA TRP A 219 21.30 10.32 -2.78
C TRP A 219 22.17 11.45 -2.27
N GLY A 220 22.89 12.11 -3.18
CA GLY A 220 23.82 13.14 -2.78
C GLY A 220 25.15 12.64 -2.28
N GLY A 221 25.31 11.36 -2.06
CA GLY A 221 26.58 10.83 -1.63
C GLY A 221 26.50 10.19 -0.27
N ASP A 222 27.37 9.21 -0.04
CA ASP A 222 27.42 8.56 1.26
C ASP A 222 27.78 9.56 2.36
N ASP A 223 28.67 10.49 2.03
CA ASP A 223 29.18 11.37 3.07
C ASP A 223 28.08 12.29 3.58
N VAL A 224 27.31 12.93 2.69
CA VAL A 224 26.21 13.78 3.14
C VAL A 224 25.19 12.97 3.92
N GLN A 225 24.71 11.86 3.34
CA GLN A 225 23.78 11.01 4.07
C GLN A 225 24.35 10.57 5.40
N LEU A 226 25.65 10.33 5.45
CA LEU A 226 26.23 9.88 6.70
C LEU A 226 26.21 10.99 7.74
N GLU A 227 26.39 12.24 7.32
CA GLU A 227 26.35 13.33 8.28
C GLU A 227 24.92 13.58 8.73
N ALA A 228 23.98 13.65 7.80
CA ALA A 228 22.57 13.66 8.22
C ALA A 228 22.29 12.49 9.16
N ALA A 229 22.78 11.30 8.82
CA ALA A 229 22.50 10.11 9.62
C ALA A 229 22.87 10.30 11.08
N LYS A 230 24.09 10.80 11.34
CA LYS A 230 24.61 10.98 12.69
C LYS A 230 23.88 12.05 13.50
N ALA A 231 22.94 12.79 12.90
CA ALA A 231 22.15 13.78 13.63
C ALA A 231 20.75 13.30 13.97
N ILE A 232 20.46 12.01 13.77
CA ILE A 232 19.14 11.46 14.03
C ILE A 232 19.13 10.87 15.43
N PRO A 233 18.40 11.45 16.38
CA PRO A 233 18.44 10.92 17.75
C PRO A 233 18.12 9.45 17.82
N MET A 234 17.15 8.99 17.04
CA MET A 234 16.77 7.59 17.18
C MET A 234 17.79 6.63 16.56
N LEU A 235 18.91 7.09 16.04
CA LEU A 235 19.98 6.20 15.63
C LEU A 235 21.06 6.00 16.71
N ARG A 236 20.70 6.21 17.99
CA ARG A 236 21.67 6.05 19.08
C ARG A 236 21.15 5.19 20.26
N CYS B 3 -10.57 -7.90 -23.07
CA CYS B 3 -9.75 -9.03 -22.62
C CYS B 3 -10.34 -10.37 -23.02
N THR B 4 -9.46 -11.33 -23.33
CA THR B 4 -9.89 -12.68 -23.67
C THR B 4 -9.04 -13.75 -23.00
N GLU B 5 -8.10 -13.40 -22.13
CA GLU B 5 -7.49 -14.42 -21.28
C GLU B 5 -8.46 -14.79 -20.16
N GLN B 6 -8.42 -16.06 -19.78
CA GLN B 6 -9.23 -16.50 -18.65
C GLN B 6 -8.76 -15.81 -17.38
N ILE B 7 -9.71 -15.53 -16.50
CA ILE B 7 -9.44 -14.95 -15.20
C ILE B 7 -10.12 -15.80 -14.14
N THR B 8 -9.36 -16.22 -13.16
CA THR B 8 -9.88 -16.97 -12.03
C THR B 8 -9.39 -16.32 -10.75
N LEU B 9 -10.33 -15.97 -9.88
CA LEU B 9 -10.01 -15.37 -8.59
C LEU B 9 -10.18 -16.41 -7.50
N TYR B 10 -9.13 -16.61 -6.72
CA TYR B 10 -9.17 -17.51 -5.58
C TYR B 10 -9.21 -16.70 -4.30
N THR B 11 -10.08 -17.09 -3.37
CA THR B 11 -10.22 -16.40 -2.10
C THR B 11 -10.78 -17.38 -1.08
N THR B 12 -10.41 -17.16 0.18
CA THR B 12 -11.14 -17.82 1.24
C THR B 12 -12.53 -17.18 1.33
N THR B 13 -13.55 -18.01 1.46
CA THR B 13 -14.92 -17.54 1.67
C THR B 13 -14.94 -16.41 2.68
N PHE B 14 -15.58 -15.30 2.34
CA PHE B 14 -15.82 -14.21 3.28
C PHE B 14 -14.60 -13.34 3.53
N SER B 15 -13.54 -13.51 2.76
CA SER B 15 -12.34 -12.69 2.99
C SER B 15 -12.59 -11.28 2.47
N PRO B 16 -12.39 -10.23 3.29
CA PRO B 16 -12.45 -8.87 2.74
C PRO B 16 -11.41 -8.61 1.70
N TYR B 17 -10.28 -9.33 1.77
CA TYR B 17 -9.23 -9.11 0.80
C TYR B 17 -9.64 -9.62 -0.56
N GLY B 18 -10.15 -10.85 -0.64
CA GLY B 18 -10.70 -11.32 -1.91
C GLY B 18 -11.91 -10.52 -2.34
N HIS B 19 -12.73 -10.09 -1.38
CA HIS B 19 -13.88 -9.24 -1.72
C HIS B 19 -13.44 -8.02 -2.53
N ARG B 20 -12.27 -7.49 -2.21
CA ARG B 20 -11.73 -6.35 -2.92
C ARG B 20 -11.68 -6.63 -4.41
N ALA B 21 -11.02 -7.73 -4.78
CA ALA B 21 -10.85 -8.09 -6.17
C ALA B 21 -12.17 -8.52 -6.80
N HIS B 22 -13.07 -9.07 -5.98
CA HIS B 22 -14.38 -9.48 -6.48
C HIS B 22 -15.17 -8.28 -6.96
N ILE B 23 -15.23 -7.24 -6.13
CA ILE B 23 -15.78 -5.96 -6.54
C ILE B 23 -15.20 -5.49 -7.85
N ALA B 24 -13.86 -5.53 -7.97
CA ALA B 24 -13.22 -4.95 -9.14
C ALA B 24 -13.60 -5.70 -10.41
N LEU B 25 -13.63 -7.03 -10.33
CA LEU B 25 -14.01 -7.81 -11.50
C LEU B 25 -15.47 -7.58 -11.85
N GLU B 26 -16.33 -7.40 -10.85
CA GLU B 26 -17.72 -7.04 -11.15
C GLU B 26 -17.78 -5.67 -11.80
N GLU B 27 -17.11 -4.68 -11.23
CA GLU B 27 -17.10 -3.35 -11.85
C GLU B 27 -16.53 -3.40 -13.26
N ALA B 28 -15.62 -4.32 -13.52
CA ALA B 28 -15.00 -4.33 -14.83
C ALA B 28 -15.85 -5.01 -15.88
N GLY B 29 -16.90 -5.74 -15.47
CA GLY B 29 -17.66 -6.54 -16.40
C GLY B 29 -16.87 -7.69 -16.98
N ALA B 30 -15.93 -8.23 -16.22
CA ALA B 30 -15.04 -9.28 -16.69
C ALA B 30 -15.74 -10.63 -16.74
N GLU B 31 -15.36 -11.46 -17.73
CA GLU B 31 -15.67 -12.89 -17.68
C GLU B 31 -14.61 -13.52 -16.77
N TYR B 32 -15.04 -13.95 -15.59
CA TYR B 32 -14.12 -14.51 -14.61
C TYR B 32 -14.80 -15.63 -13.85
N THR B 33 -14.00 -16.58 -13.40
CA THR B 33 -14.46 -17.64 -12.52
C THR B 33 -14.06 -17.32 -11.08
N LEU B 34 -14.97 -17.62 -10.16
CA LEU B 34 -14.79 -17.39 -8.74
C LEU B 34 -14.63 -18.73 -8.04
N CYS B 35 -13.59 -18.86 -7.23
CA CYS B 35 -13.33 -20.11 -6.53
C CYS B 35 -13.14 -19.81 -5.07
N GLN B 36 -14.12 -20.16 -4.25
CA GLN B 36 -14.09 -19.89 -2.84
C GLN B 36 -13.58 -21.11 -2.09
N ILE B 37 -12.60 -20.88 -1.23
CA ILE B 37 -11.97 -21.87 -0.37
C ILE B 37 -12.52 -21.68 1.03
N ASN B 38 -12.75 -22.79 1.74
CA ASN B 38 -13.30 -22.68 3.08
C ASN B 38 -12.24 -22.18 4.05
N VAL B 39 -12.59 -21.14 4.80
CA VAL B 39 -11.61 -20.50 5.68
C VAL B 39 -11.16 -21.47 6.76
N HIS B 40 -12.12 -22.14 7.40
CA HIS B 40 -11.85 -22.99 8.55
C HIS B 40 -11.46 -24.41 8.17
N ARG B 41 -11.18 -24.68 6.90
CA ARG B 41 -10.53 -25.91 6.45
C ARG B 41 -9.13 -25.56 5.91
N ASP B 42 -8.18 -26.50 6.02
CA ASP B 42 -6.75 -26.16 5.99
C ASP B 42 -6.15 -26.07 4.58
N LYS B 43 -6.99 -25.97 3.54
CA LYS B 43 -6.60 -25.57 2.18
C LYS B 43 -6.15 -26.77 1.35
N PRO B 44 -6.76 -27.01 0.19
CA PRO B 44 -6.44 -28.22 -0.56
C PRO B 44 -4.98 -28.22 -1.02
N GLU B 45 -4.42 -29.42 -1.06
CA GLU B 45 -3.08 -29.58 -1.61
C GLU B 45 -2.95 -28.90 -2.96
N TRP B 46 -4.00 -28.95 -3.78
CA TRP B 46 -3.86 -28.40 -5.13
C TRP B 46 -3.68 -26.88 -5.09
N TYR B 47 -3.92 -26.22 -3.96
CA TYR B 47 -3.76 -24.78 -3.92
C TYR B 47 -2.30 -24.38 -3.95
N LYS B 48 -1.40 -25.26 -3.51
CA LYS B 48 0.03 -25.01 -3.65
C LYS B 48 0.38 -24.62 -5.07
N ARG B 49 -0.36 -25.14 -6.05
CA ARG B 49 -0.08 -24.85 -7.45
C ARG B 49 -0.58 -23.48 -7.89
N VAL B 50 -1.34 -22.80 -7.04
CA VAL B 50 -1.72 -21.41 -7.29
C VAL B 50 -0.76 -20.50 -6.56
N ASN B 51 -0.45 -20.85 -5.33
CA ASN B 51 0.58 -20.18 -4.58
C ASN B 51 1.15 -21.16 -3.57
N PRO B 52 2.44 -21.48 -3.66
CA PRO B 52 2.98 -22.54 -2.79
C PRO B 52 2.95 -22.18 -1.31
N LEU B 53 2.96 -20.90 -0.96
CA LEU B 53 2.87 -20.52 0.45
C LEU B 53 1.43 -20.45 0.96
N GLY B 54 0.45 -20.89 0.17
CA GLY B 54 -0.94 -20.82 0.61
C GLY B 54 -1.51 -19.41 0.70
N LYS B 55 -0.90 -18.44 0.04
CA LYS B 55 -1.34 -17.07 0.14
C LYS B 55 -2.65 -16.87 -0.61
N VAL B 56 -3.58 -16.15 0.02
CA VAL B 56 -4.82 -15.74 -0.62
C VAL B 56 -5.11 -14.29 -0.27
N PRO B 57 -5.89 -13.59 -1.12
CA PRO B 57 -6.40 -14.05 -2.42
C PRO B 57 -5.32 -14.17 -3.49
N ALA B 58 -5.71 -14.78 -4.61
CA ALA B 58 -4.83 -14.91 -5.77
C ALA B 58 -5.68 -14.94 -7.03
N ILE B 59 -5.05 -14.57 -8.12
CA ILE B 59 -5.65 -14.62 -9.44
C ILE B 59 -4.75 -15.44 -10.36
N THR B 60 -5.36 -16.27 -11.20
CA THR B 60 -4.67 -16.85 -12.35
C THR B 60 -5.17 -16.13 -13.59
N PHE B 61 -4.28 -15.93 -14.55
CA PHE B 61 -4.59 -15.12 -15.72
C PHE B 61 -4.10 -15.88 -16.95
N GLY B 62 -4.96 -16.00 -17.95
CA GLY B 62 -4.58 -16.69 -19.19
C GLY B 62 -4.27 -18.16 -18.95
N GLY B 63 -3.63 -18.75 -19.96
CA GLY B 63 -3.50 -20.18 -20.02
C GLY B 63 -4.80 -20.80 -20.49
N PRO B 64 -4.87 -22.12 -20.46
CA PRO B 64 -6.06 -22.81 -20.97
C PRO B 64 -7.21 -22.79 -20.00
N GLN B 65 -8.42 -22.86 -20.55
CA GLN B 65 -9.66 -22.86 -19.77
C GLN B 65 -9.78 -24.15 -18.97
N VAL B 66 -9.92 -24.02 -17.67
CA VAL B 66 -9.67 -25.13 -16.75
C VAL B 66 -10.45 -24.96 -15.46
N PRO B 67 -10.99 -26.02 -14.86
CA PRO B 67 -11.61 -25.87 -13.54
C PRO B 67 -10.62 -25.30 -12.55
N PRO B 68 -11.10 -24.59 -11.53
CA PRO B 68 -10.16 -23.90 -10.63
C PRO B 68 -9.37 -24.83 -9.74
N ASP B 69 -9.85 -26.03 -9.46
CA ASP B 69 -9.03 -26.94 -8.66
C ASP B 69 -7.99 -27.66 -9.50
N GLU B 70 -7.95 -27.40 -10.80
CA GLU B 70 -6.97 -27.96 -11.72
C GLU B 70 -6.11 -26.85 -12.33
N PRO B 71 -5.46 -26.03 -11.50
CA PRO B 71 -4.73 -24.88 -12.06
C PRO B 71 -3.68 -25.35 -13.07
N SER B 72 -3.62 -24.65 -14.22
CA SER B 72 -2.59 -24.91 -15.23
C SER B 72 -1.30 -24.22 -14.84
N PRO B 73 -0.15 -24.85 -15.05
CA PRO B 73 1.11 -24.11 -14.87
C PRO B 73 1.32 -23.01 -15.90
N GLU B 74 0.58 -23.02 -17.00
CA GLU B 74 0.76 -21.98 -18.01
C GLU B 74 0.07 -20.66 -17.63
N SER B 75 -0.77 -20.65 -16.61
CA SER B 75 -1.43 -19.42 -16.16
C SER B 75 -0.46 -18.58 -15.34
N GLU B 76 -0.54 -17.27 -15.50
CA GLU B 76 0.16 -16.33 -14.63
C GLU B 76 -0.56 -16.22 -13.31
N LYS B 77 0.20 -16.24 -12.22
CA LYS B 77 -0.34 -16.25 -10.86
C LYS B 77 0.09 -14.97 -10.14
N LEU B 78 -0.90 -14.26 -9.62
CA LEU B 78 -0.76 -12.96 -8.97
C LEU B 78 -1.38 -12.99 -7.57
N VAL B 79 -0.77 -12.27 -6.64
CA VAL B 79 -1.28 -12.12 -5.28
C VAL B 79 -1.15 -10.66 -4.84
N GLU B 80 -1.65 -10.43 -3.62
CA GLU B 80 -1.66 -9.13 -2.93
C GLU B 80 -2.75 -8.24 -3.43
N SER B 81 -3.71 -7.97 -2.54
CA SER B 81 -5.03 -7.57 -3.00
C SER B 81 -5.01 -6.20 -3.66
N LEU B 82 -4.27 -5.25 -3.11
CA LEU B 82 -4.22 -3.95 -3.76
C LEU B 82 -3.56 -4.02 -5.14
N ALA B 83 -2.59 -4.92 -5.31
CA ALA B 83 -2.01 -5.08 -6.63
C ALA B 83 -3.00 -5.73 -7.56
N LEU B 84 -3.84 -6.61 -7.03
CA LEU B 84 -4.89 -7.25 -7.84
C LEU B 84 -5.89 -6.22 -8.35
N LEU B 85 -6.26 -5.25 -7.51
CA LEU B 85 -7.17 -4.18 -7.95
C LEU B 85 -6.57 -3.41 -9.12
N GLU B 86 -5.30 -3.01 -8.99
CA GLU B 86 -4.63 -2.30 -10.06
C GLU B 86 -4.46 -3.19 -11.28
N PHE B 87 -4.28 -4.48 -11.05
CA PHE B 87 -4.25 -5.43 -12.15
C PHE B 87 -5.55 -5.41 -12.92
N VAL B 88 -6.67 -5.61 -12.24
CA VAL B 88 -7.96 -5.61 -12.94
C VAL B 88 -8.10 -4.33 -13.76
N ALA B 89 -7.78 -3.19 -13.14
CA ALA B 89 -7.92 -1.90 -13.85
C ALA B 89 -7.04 -1.85 -15.07
N ASP B 90 -5.79 -2.35 -14.97
CA ASP B 90 -4.90 -2.38 -16.13
C ASP B 90 -5.42 -3.28 -17.22
N VAL B 91 -6.01 -4.41 -16.86
CA VAL B 91 -6.48 -5.33 -17.88
C VAL B 91 -7.66 -4.74 -18.60
N PHE B 92 -8.50 -3.97 -17.90
CA PHE B 92 -9.71 -3.39 -18.47
C PHE B 92 -9.71 -1.87 -18.37
N PRO B 93 -8.85 -1.17 -19.12
CA PRO B 93 -8.83 0.31 -19.02
C PRO B 93 -10.16 0.94 -19.37
N GLU B 94 -10.98 0.25 -20.17
CA GLU B 94 -12.25 0.80 -20.62
C GLU B 94 -13.31 0.82 -19.54
N ALA B 95 -13.13 0.08 -18.44
CA ALA B 95 -14.10 0.14 -17.35
C ALA B 95 -13.87 1.35 -16.46
N LYS B 96 -12.74 2.02 -16.61
CA LYS B 96 -12.40 3.19 -15.81
C LYS B 96 -12.61 2.90 -14.33
N LEU B 97 -11.99 1.81 -13.87
CA LEU B 97 -11.97 1.50 -12.44
C LEU B 97 -11.24 2.58 -11.68
N LEU B 98 -10.37 3.27 -12.37
CA LEU B 98 -9.73 4.46 -11.87
C LEU B 98 -10.09 5.56 -12.82
N PRO B 99 -10.17 6.77 -12.34
CA PRO B 99 -10.55 7.87 -13.21
C PRO B 99 -9.43 8.16 -14.20
N ALA B 100 -9.67 9.10 -15.10
CA ALA B 100 -8.79 9.25 -16.24
C ALA B 100 -7.57 10.10 -15.93
N SER B 101 -7.73 11.16 -15.09
CA SER B 101 -6.59 12.06 -14.95
C SER B 101 -5.63 11.57 -13.88
N PRO B 102 -4.33 11.74 -14.10
CA PRO B 102 -3.36 11.38 -13.06
C PRO B 102 -3.66 11.95 -11.68
N VAL B 103 -4.09 13.20 -11.60
CA VAL B 103 -4.36 13.78 -10.30
C VAL B 103 -5.47 13.00 -9.58
N GLN B 104 -6.53 12.64 -10.29
CA GLN B 104 -7.63 12.00 -9.59
C GLN B 104 -7.24 10.60 -9.20
N ARG B 105 -6.47 9.95 -10.09
CA ARG B 105 -5.92 8.63 -9.78
C ARG B 105 -5.06 8.68 -8.53
N ALA B 106 -4.17 9.67 -8.45
CA ALA B 106 -3.35 9.87 -7.24
C ALA B 106 -4.22 10.03 -6.00
N ARG B 107 -5.33 10.76 -6.11
CA ARG B 107 -6.13 10.99 -4.93
C ARG B 107 -6.86 9.73 -4.53
N ALA B 108 -7.24 8.93 -5.51
CA ALA B 108 -7.84 7.63 -5.21
C ALA B 108 -6.84 6.76 -4.46
N ARG B 109 -5.59 6.75 -4.90
CA ARG B 109 -4.59 5.93 -4.22
C ARG B 109 -4.28 6.50 -2.85
N ALA B 110 -4.19 7.83 -2.73
CA ALA B 110 -4.01 8.43 -1.41
C ALA B 110 -5.15 8.08 -0.47
N PHE B 111 -6.40 8.06 -0.98
CA PHE B 111 -7.52 7.66 -0.11
C PHE B 111 -7.30 6.25 0.41
N ILE B 112 -6.83 5.36 -0.46
CA ILE B 112 -6.54 3.99 -0.02
C ILE B 112 -5.43 4.00 1.03
N ALA B 113 -4.39 4.80 0.83
CA ALA B 113 -3.31 4.84 1.81
C ALA B 113 -3.83 5.29 3.18
N ILE B 114 -4.74 6.28 3.20
CA ILE B 114 -5.26 6.72 4.50
C ILE B 114 -5.96 5.57 5.19
N TYR B 115 -6.75 4.79 4.45
CA TYR B 115 -7.38 3.61 5.04
C TYR B 115 -6.31 2.67 5.60
N GLN B 116 -5.31 2.34 4.78
CA GLN B 116 -4.31 1.35 5.18
C GLN B 116 -3.42 1.87 6.30
N ASN B 117 -3.06 3.16 6.27
CA ASN B 117 -2.12 3.72 7.24
C ASN B 117 -2.76 3.93 8.59
N TYR B 118 -4.05 4.22 8.61
CA TYR B 118 -4.71 4.65 9.84
C TYR B 118 -5.77 3.67 10.31
N LEU B 119 -6.78 3.38 9.50
CA LEU B 119 -7.94 2.68 10.04
C LEU B 119 -7.71 1.18 10.09
N HIS B 120 -7.04 0.63 9.07
CA HIS B 120 -6.96 -0.82 8.95
C HIS B 120 -6.47 -1.44 10.24
N ASP B 121 -5.36 -0.94 10.76
CA ASP B 121 -4.83 -1.52 11.99
C ASP B 121 -5.73 -1.24 13.18
N GLN B 122 -6.54 -0.16 13.14
CA GLN B 122 -7.43 0.08 14.28
C GLN B 122 -8.67 -0.78 14.24
N PHE B 123 -9.15 -1.14 13.05
CA PHE B 123 -10.19 -2.17 12.93
C PHE B 123 -9.72 -3.48 13.58
N ARG B 124 -8.53 -3.95 13.21
CA ARG B 124 -7.97 -5.09 13.88
C ARG B 124 -7.89 -4.87 15.39
N ASP B 125 -7.29 -3.75 15.80
CA ASP B 125 -6.94 -3.57 17.21
C ASP B 125 -8.21 -3.43 18.07
N ALA B 126 -9.19 -2.66 17.61
CA ALA B 126 -10.41 -2.48 18.38
C ALA B 126 -11.32 -3.70 18.36
N PHE B 127 -11.47 -4.36 17.20
CA PHE B 127 -12.43 -5.46 17.04
C PHE B 127 -11.81 -6.83 17.29
N PHE B 128 -10.56 -7.05 16.89
CA PHE B 128 -9.97 -8.37 16.96
C PHE B 128 -9.00 -8.52 18.11
N ARG B 129 -8.46 -7.42 18.65
CA ARG B 129 -7.54 -7.52 19.77
C ARG B 129 -8.07 -6.87 21.04
N GLY B 130 -9.21 -6.18 20.98
CA GLY B 130 -9.80 -5.61 22.17
C GLY B 130 -9.16 -4.34 22.69
N GLU B 131 -8.35 -3.63 21.89
CA GLU B 131 -7.68 -2.44 22.39
C GLU B 131 -8.69 -1.30 22.54
N PRO B 132 -8.38 -0.28 23.36
CA PRO B 132 -9.23 0.91 23.40
C PRO B 132 -9.53 1.42 22.00
N VAL B 133 -10.73 1.96 21.85
CA VAL B 133 -11.31 2.22 20.54
C VAL B 133 -11.18 3.67 20.11
N GLY B 134 -10.66 4.53 20.96
CA GLY B 134 -10.53 5.92 20.59
C GLY B 134 -9.78 6.09 19.29
N PRO B 135 -8.62 5.43 19.17
CA PRO B 135 -7.89 5.53 17.89
C PRO B 135 -8.73 5.05 16.71
N PHE B 136 -9.50 3.98 16.88
CA PHE B 136 -10.37 3.54 15.79
C PHE B 136 -11.28 4.66 15.34
N LEU B 137 -11.98 5.31 16.27
CA LEU B 137 -12.86 6.41 15.89
C LEU B 137 -12.10 7.55 15.24
N GLN B 138 -10.95 7.93 15.81
CA GLN B 138 -10.18 9.06 15.27
C GLN B 138 -9.70 8.76 13.85
N ALA B 139 -9.29 7.53 13.62
CA ALA B 139 -8.93 7.09 12.28
C ALA B 139 -10.16 7.04 11.37
N LEU B 140 -11.31 6.63 11.90
CA LEU B 140 -12.52 6.69 11.09
C LEU B 140 -12.78 8.11 10.66
N GLU B 141 -12.70 9.04 11.61
CA GLU B 141 -12.81 10.44 11.26
C GLU B 141 -11.75 10.84 10.24
N THR B 142 -10.51 10.36 10.40
CA THR B 142 -9.48 10.75 9.45
C THR B 142 -9.87 10.34 8.03
N LEU B 143 -10.32 9.10 7.86
CA LEU B 143 -10.78 8.65 6.54
C LEU B 143 -11.97 9.48 6.07
N GLN B 144 -12.91 9.72 6.97
CA GLN B 144 -14.08 10.52 6.65
C GLN B 144 -13.70 11.89 6.10
N SER B 145 -12.70 12.53 6.70
CA SER B 145 -12.31 13.88 6.30
C SER B 145 -11.77 13.93 4.88
N ALA B 146 -11.28 12.81 4.36
CA ALA B 146 -10.81 12.77 2.99
C ALA B 146 -11.95 12.72 1.99
N LEU B 147 -13.16 12.44 2.44
CA LEU B 147 -14.25 12.33 1.49
C LEU B 147 -14.69 13.70 1.01
N PRO B 148 -15.12 13.80 -0.25
CA PRO B 148 -15.77 15.00 -0.69
C PRO B 148 -17.17 15.06 -0.11
N PRO B 149 -17.86 16.18 -0.25
CA PRO B 149 -19.17 16.32 0.42
C PRO B 149 -20.13 15.19 0.10
N ALA B 150 -20.22 14.75 -1.14
CA ALA B 150 -21.01 13.57 -1.42
C ALA B 150 -20.30 12.70 -2.45
N GLY B 151 -20.89 11.53 -2.69
CA GLY B 151 -20.34 10.60 -3.65
C GLY B 151 -19.21 9.81 -3.04
N PHE B 152 -18.36 9.34 -3.92
CA PHE B 152 -17.30 8.43 -3.51
C PHE B 152 -15.96 9.17 -3.37
N ALA B 153 -14.90 8.43 -3.02
CA ALA B 153 -13.66 9.05 -2.57
C ALA B 153 -13.21 10.14 -3.54
N VAL B 154 -13.27 9.87 -4.84
CA VAL B 154 -12.89 10.87 -5.84
C VAL B 154 -14.10 11.13 -6.71
N GLY B 155 -15.30 11.15 -6.10
CA GLY B 155 -16.51 11.55 -6.79
C GLY B 155 -17.20 10.33 -7.37
N GLU B 156 -16.74 9.89 -8.54
CA GLU B 156 -17.19 8.63 -9.09
C GLU B 156 -16.53 7.46 -8.38
N TRP B 157 -17.23 6.33 -8.36
CA TRP B 157 -16.71 5.09 -7.82
C TRP B 157 -15.36 4.78 -8.45
N SER B 158 -14.47 4.19 -7.67
CA SER B 158 -13.14 3.86 -8.16
C SER B 158 -12.60 2.74 -7.31
N LEU B 159 -11.38 2.29 -7.65
CA LEU B 159 -10.68 1.30 -6.84
C LEU B 159 -10.62 1.67 -5.36
N ALA B 160 -10.67 2.96 -5.04
CA ALA B 160 -10.72 3.34 -3.62
C ALA B 160 -11.81 2.56 -2.89
N GLU B 161 -13.00 2.51 -3.49
CA GLU B 161 -14.12 1.82 -2.84
C GLU B 161 -13.91 0.31 -2.83
N ALA B 162 -13.47 -0.25 -3.96
CA ALA B 162 -13.07 -1.65 -3.99
C ALA B 162 -12.10 -2.00 -2.86
N ALA B 163 -11.23 -1.07 -2.49
CA ALA B 163 -10.24 -1.38 -1.46
C ALA B 163 -10.84 -1.26 -0.06
N VAL B 164 -11.63 -0.21 0.18
CA VAL B 164 -12.10 0.08 1.54
C VAL B 164 -13.44 -0.58 1.83
N ALA B 165 -14.35 -0.64 0.87
CA ALA B 165 -15.70 -1.18 1.12
C ALA B 165 -15.73 -2.51 1.85
N PRO B 166 -14.98 -3.53 1.46
CA PRO B 166 -15.05 -4.79 2.22
C PRO B 166 -14.81 -4.57 3.68
N PHE B 167 -13.94 -3.64 4.05
CA PHE B 167 -13.62 -3.49 5.46
C PHE B 167 -14.60 -2.59 6.21
N LEU B 168 -14.99 -1.48 5.62
CA LEU B 168 -15.96 -0.61 6.27
C LEU B 168 -17.28 -1.33 6.50
N ALA B 169 -17.74 -2.11 5.51
CA ALA B 169 -18.99 -2.86 5.67
C ALA B 169 -18.89 -3.86 6.82
N ARG B 170 -17.76 -4.57 6.93
CA ARG B 170 -17.68 -5.56 7.99
C ARG B 170 -17.59 -4.91 9.37
N MET B 171 -16.85 -3.79 9.50
CA MET B 171 -16.72 -3.20 10.83
C MET B 171 -18.05 -2.65 11.29
N MET B 172 -18.85 -2.09 10.38
CA MET B 172 -20.19 -1.62 10.77
C MET B 172 -21.11 -2.80 10.99
N LEU B 173 -21.01 -3.82 10.13
CA LEU B 173 -21.76 -5.04 10.38
C LEU B 173 -21.45 -5.56 11.76
N TYR B 174 -20.16 -5.72 12.08
CA TYR B 174 -19.81 -6.27 13.39
C TYR B 174 -20.36 -5.37 14.48
N LEU B 175 -20.21 -4.06 14.29
CA LEU B 175 -20.57 -3.12 15.33
C LEU B 175 -22.04 -3.22 15.67
N ASP B 176 -22.90 -3.05 14.67
CA ASP B 176 -24.34 -3.16 14.87
C ASP B 176 -24.70 -4.39 15.68
N ALA B 177 -24.04 -5.51 15.40
CA ALA B 177 -24.36 -6.79 15.98
C ALA B 177 -23.62 -7.09 17.27
N GLY B 178 -22.68 -6.25 17.68
CA GLY B 178 -22.00 -6.46 18.94
C GLY B 178 -20.86 -7.45 18.90
N LEU B 179 -20.36 -7.78 17.72
CA LEU B 179 -19.19 -8.65 17.63
C LEU B 179 -17.91 -7.85 17.75
N GLY B 180 -16.96 -8.39 18.50
CA GLY B 180 -15.63 -7.85 18.64
C GLY B 180 -15.17 -8.10 20.05
N LYS B 181 -13.84 -8.05 20.23
CA LYS B 181 -13.22 -8.19 21.54
C LYS B 181 -13.29 -6.92 22.37
N TYR B 182 -13.92 -5.86 21.86
CA TYR B 182 -13.97 -4.61 22.59
C TYR B 182 -14.94 -4.70 23.76
N SER B 183 -14.66 -3.90 24.80
CA SER B 183 -15.53 -3.85 25.97
C SER B 183 -16.92 -3.37 25.56
N GLU B 184 -17.90 -3.67 26.41
CA GLU B 184 -19.26 -3.26 26.13
C GLU B 184 -19.44 -1.76 26.26
N ALA B 185 -18.66 -1.11 27.14
CA ALA B 185 -18.68 0.35 27.22
C ALA B 185 -18.19 0.96 25.92
N ASP B 186 -16.99 0.55 25.48
CA ASP B 186 -16.48 0.94 24.18
C ASP B 186 -17.40 0.47 23.06
N GLY B 187 -18.15 -0.62 23.26
CA GLY B 187 -19.19 -0.99 22.31
C GLY B 187 -20.26 0.07 22.19
N GLU B 188 -20.81 0.52 23.31
CA GLU B 188 -21.85 1.53 23.23
C GLU B 188 -21.27 2.87 22.76
N THR B 189 -20.03 3.18 23.16
CA THR B 189 -19.38 4.39 22.67
C THR B 189 -19.29 4.39 21.15
N MET B 190 -18.86 3.28 20.57
CA MET B 190 -18.75 3.25 19.12
C MET B 190 -20.13 3.39 18.46
N ARG B 191 -21.11 2.58 18.88
CA ARG B 191 -22.42 2.65 18.23
C ARG B 191 -22.99 4.06 18.31
N ALA B 192 -22.92 4.67 19.50
CA ALA B 192 -23.41 6.03 19.69
C ALA B 192 -22.65 7.02 18.80
N ALA B 193 -21.34 6.88 18.72
CA ALA B 193 -20.56 7.75 17.83
C ALA B 193 -20.98 7.59 16.36
N LEU B 194 -21.06 6.34 15.89
CA LEU B 194 -21.44 6.11 14.49
C LEU B 194 -22.86 6.62 14.17
N ALA B 195 -23.79 6.55 15.13
CA ALA B 195 -25.10 7.16 14.92
C ALA B 195 -25.08 8.68 15.01
N SER B 196 -24.01 9.26 15.55
CA SER B 196 -23.97 10.69 15.82
C SER B 196 -23.66 11.49 14.55
N GLU B 197 -23.78 12.81 14.70
CA GLU B 197 -23.59 13.72 13.57
C GLU B 197 -22.13 13.81 13.18
N ARG B 198 -21.23 13.63 14.16
CA ARG B 198 -19.80 13.62 13.88
C ARG B 198 -19.47 12.64 12.76
N PHE B 199 -20.19 11.51 12.69
CA PHE B 199 -19.93 10.47 11.70
C PHE B 199 -21.04 10.31 10.68
N ALA B 200 -21.83 11.35 10.45
CA ALA B 200 -22.86 11.27 9.42
C ALA B 200 -22.26 10.94 8.06
N ARG B 201 -21.13 11.56 7.74
CA ARG B 201 -20.58 11.48 6.38
C ARG B 201 -20.13 10.06 6.04
N ILE B 202 -19.35 9.45 6.92
CA ILE B 202 -18.89 8.08 6.73
C ILE B 202 -20.06 7.11 6.81
N SER B 203 -21.09 7.43 7.62
CA SER B 203 -22.33 6.65 7.64
C SER B 203 -23.01 6.69 6.27
N GLN B 204 -23.09 7.89 5.69
CA GLN B 204 -23.60 8.04 4.34
C GLN B 204 -22.75 7.29 3.32
N TYR B 205 -21.42 7.32 3.49
CA TYR B 205 -20.53 6.65 2.54
C TYR B 205 -20.77 5.14 2.56
N VAL B 206 -20.89 4.55 3.75
CA VAL B 206 -21.07 3.11 3.83
C VAL B 206 -22.39 2.68 3.21
N ARG B 207 -23.47 3.44 3.42
CA ARG B 207 -24.68 2.94 2.77
C ARG B 207 -24.68 3.25 1.28
N ASP B 208 -23.94 4.26 0.83
CA ASP B 208 -23.80 4.42 -0.62
C ASP B 208 -22.99 3.29 -1.20
N ILE B 209 -21.96 2.88 -0.48
CA ILE B 209 -21.17 1.70 -0.84
C ILE B 209 -22.08 0.48 -0.95
N ARG B 210 -22.87 0.22 0.09
CA ARG B 210 -23.71 -0.97 0.14
C ARG B 210 -24.77 -1.00 -0.96
N ALA B 211 -25.09 0.14 -1.56
CA ALA B 211 -26.08 0.17 -2.63
C ALA B 211 -25.52 -0.27 -3.95
N ARG B 212 -24.20 -0.25 -4.09
CA ARG B 212 -23.57 -0.51 -5.38
C ARG B 212 -23.76 -1.97 -5.80
N ALA B 213 -24.23 -2.17 -7.02
CA ALA B 213 -24.46 -3.53 -7.54
C ALA B 213 -23.26 -4.44 -7.28
N SER B 214 -22.06 -3.98 -7.65
CA SER B 214 -20.87 -4.84 -7.55
C SER B 214 -20.61 -5.23 -6.11
N PHE B 215 -20.92 -4.35 -5.17
CA PHE B 215 -20.78 -4.72 -3.78
C PHE B 215 -21.88 -5.69 -3.34
N VAL B 216 -23.12 -5.36 -3.63
CA VAL B 216 -24.23 -6.27 -3.30
C VAL B 216 -23.93 -7.67 -3.77
N LYS B 217 -23.60 -7.83 -5.04
CA LYS B 217 -23.39 -9.17 -5.59
C LYS B 217 -22.27 -9.90 -4.85
N SER B 218 -21.17 -9.21 -4.55
CA SER B 218 -20.00 -9.87 -3.95
C SER B 218 -20.11 -10.00 -2.45
N TRP B 219 -21.10 -9.34 -1.86
CA TRP B 219 -21.30 -9.36 -0.42
C TRP B 219 -22.27 -10.44 0.01
N GLY B 220 -23.25 -10.79 -0.83
CA GLY B 220 -24.13 -11.90 -0.53
C GLY B 220 -25.02 -11.73 0.68
N GLY B 221 -25.28 -10.51 1.11
CA GLY B 221 -26.25 -10.29 2.18
C GLY B 221 -25.65 -10.26 3.57
N ASP B 222 -26.24 -9.42 4.41
CA ASP B 222 -25.78 -9.29 5.79
C ASP B 222 -25.83 -10.62 6.54
N ASP B 223 -26.96 -11.31 6.46
CA ASP B 223 -27.13 -12.50 7.31
C ASP B 223 -26.00 -13.49 7.08
N VAL B 224 -25.61 -13.73 5.84
CA VAL B 224 -24.54 -14.71 5.61
C VAL B 224 -23.20 -14.15 6.07
N GLN B 225 -22.98 -12.85 5.85
CA GLN B 225 -21.78 -12.23 6.41
C GLN B 225 -21.82 -12.28 7.93
N LEU B 226 -23.00 -12.15 8.52
CA LEU B 226 -23.09 -12.20 9.97
C LEU B 226 -22.81 -13.60 10.49
N GLU B 227 -23.37 -14.62 9.84
CA GLU B 227 -23.04 -15.99 10.19
C GLU B 227 -21.55 -16.23 10.04
N ALA B 228 -20.98 -15.78 8.93
CA ALA B 228 -19.55 -15.87 8.75
C ALA B 228 -18.80 -15.26 9.93
N ALA B 229 -19.18 -14.04 10.32
CA ALA B 229 -18.46 -13.33 11.37
C ALA B 229 -18.56 -14.04 12.72
N LYS B 230 -19.74 -14.59 13.04
CA LYS B 230 -19.93 -15.32 14.30
C LYS B 230 -19.06 -16.58 14.39
N ALA B 231 -18.49 -17.03 13.28
CA ALA B 231 -17.60 -18.18 13.28
C ALA B 231 -16.13 -17.80 13.37
N ILE B 232 -15.82 -16.51 13.42
CA ILE B 232 -14.44 -16.04 13.59
C ILE B 232 -14.12 -16.05 15.08
N PRO B 233 -13.29 -16.96 15.57
CA PRO B 233 -13.05 -17.00 17.02
C PRO B 233 -12.36 -15.75 17.56
N MET B 234 -11.39 -15.21 16.81
CA MET B 234 -10.69 -14.02 17.26
C MET B 234 -11.63 -12.85 17.57
N LEU B 235 -12.89 -12.91 17.11
CA LEU B 235 -13.85 -11.83 17.35
C LEU B 235 -14.59 -11.92 18.68
N ARG B 236 -14.33 -12.95 19.49
CA ARG B 236 -15.14 -13.26 20.66
C ARG B 236 -14.48 -12.76 21.93
N ARG B 237 -15.28 -12.31 22.89
CA ARG B 237 -14.76 -11.83 24.17
C ARG B 237 -14.65 -13.01 25.15
N PRO B 238 -13.55 -13.10 25.89
CA PRO B 238 -13.42 -14.20 26.87
C PRO B 238 -14.40 -14.04 28.03
N ALA B 239 -14.62 -15.16 28.73
CA ALA B 239 -15.58 -15.24 29.83
C ALA B 239 -14.93 -14.97 31.20
MG MG C . -3.13 -0.33 18.58
#